data_2VNP
#
_entry.id   2VNP
#
_cell.length_a   43.200
_cell.length_b   69.100
_cell.length_c   62.400
_cell.angle_alpha   90.00
_cell.angle_beta   100.30
_cell.angle_gamma   90.00
#
_symmetry.space_group_name_H-M   'P 1 21 1'
#
loop_
_entity.id
_entity.type
_entity.pdbx_description
1 polymer 'ISOPENTENYL-DIPHOSPHATE DELTA-ISOMERASE'
2 non-polymer 'MANGANESE (II) ION'
3 non-polymer 'MAGNESIUM ION'
4 non-polymer 2-DIMETHYLAMINO-ETHYL-DIPHOSPHATE
5 water water
#
_entity_poly.entity_id   1
_entity_poly.type   'polypeptide(L)'
_entity_poly.pdbx_seq_one_letter_code
;MQTEHVILLNAQGVPTGTLEKYAAHTADTRLHLAFSSWLFNAKGQLLVTRRALSKKAWPGVWTNSVCGHPQLGESNEDAV
IRRCRYELGVEITPPESIYPDFRYRATDPSGIVENEVCPVFAARTTSALQINDDEVMDYQWCDLADVLHGIDATPWAFSP
WMVMQATNREARKRLSAFTQLKL
;
_entity_poly.pdbx_strand_id   A,B
#
loop_
_chem_comp.id
_chem_comp.type
_chem_comp.name
_chem_comp.formula
DED non-polymer 2-DIMETHYLAMINO-ETHYL-DIPHOSPHATE 'C4 H13 N O7 P2'
MG non-polymer 'MAGNESIUM ION' 'Mg 2'
MN non-polymer 'MANGANESE (II) ION' 'Mn 2'
#
# COMPACT_ATOMS: atom_id res chain seq x y z
N GLU A 4 27.13 -1.72 6.96
CA GLU A 4 26.30 -0.69 7.63
C GLU A 4 25.87 -0.97 9.06
N HIS A 5 25.79 0.09 9.84
CA HIS A 5 25.30 -0.02 11.21
C HIS A 5 24.23 1.04 11.52
N VAL A 6 23.70 0.97 12.74
CA VAL A 6 22.89 2.03 13.26
C VAL A 6 23.57 2.51 14.52
N ILE A 7 23.33 3.76 14.88
CA ILE A 7 23.85 4.33 16.08
C ILE A 7 22.79 4.23 17.19
N LEU A 8 23.13 3.44 18.21
CA LEU A 8 22.22 3.28 19.33
C LEU A 8 22.21 4.46 20.27
N LEU A 9 21.08 4.64 20.93
CA LEU A 9 20.81 5.80 21.75
C LEU A 9 20.09 5.37 23.04
N ASN A 10 20.31 6.11 24.11
CA ASN A 10 19.49 5.93 25.33
C ASN A 10 18.27 6.85 25.36
N ALA A 11 17.48 6.71 26.44
CA ALA A 11 16.25 7.51 26.59
C ALA A 11 16.53 8.99 26.49
N GLN A 12 17.70 9.43 26.93
CA GLN A 12 18.06 10.83 26.79
C GLN A 12 18.60 11.22 25.42
N GLY A 13 18.61 10.29 24.43
CA GLY A 13 19.16 10.58 23.06
C GLY A 13 20.69 10.65 22.96
N VAL A 14 21.34 10.00 23.91
CA VAL A 14 22.81 9.95 24.00
C VAL A 14 23.35 8.64 23.37
N PRO A 15 24.23 8.76 22.35
CA PRO A 15 24.79 7.56 21.67
C PRO A 15 25.37 6.55 22.69
N THR A 16 24.99 5.28 22.67
CA THR A 16 25.58 4.26 23.55
C THR A 16 26.45 3.21 22.82
N GLY A 17 26.44 3.25 21.48
CA GLY A 17 27.28 2.35 20.68
C GLY A 17 26.65 2.17 19.31
N THR A 18 26.98 1.09 18.63
CA THR A 18 26.38 0.80 17.32
C THR A 18 25.97 -0.68 17.23
N LEU A 19 25.09 -1.02 16.28
CA LEU A 19 24.84 -2.44 15.92
C LEU A 19 24.73 -2.55 14.42
N GLU A 20 25.13 -3.70 13.87
CA GLU A 20 24.93 -3.99 12.43
C GLU A 20 23.48 -3.69 12.05
N LYS A 21 23.30 -2.92 10.99
CA LYS A 21 21.95 -2.43 10.56
C LYS A 21 20.82 -3.47 10.44
N TYR A 22 21.03 -4.50 9.60
CA TYR A 22 20.06 -5.59 9.41
C TYR A 22 19.73 -6.30 10.74
N ALA A 23 20.76 -6.67 11.53
CA ALA A 23 20.54 -7.34 12.81
C ALA A 23 19.86 -6.50 13.89
N ALA A 24 20.07 -5.17 13.81
CA ALA A 24 19.45 -4.25 14.74
C ALA A 24 17.90 -4.21 14.67
N HIS A 25 17.32 -4.57 13.52
CA HIS A 25 15.82 -4.44 13.38
C HIS A 25 15.13 -5.75 13.58
N THR A 26 14.38 -5.83 14.67
CA THR A 26 13.85 -7.12 15.16
C THR A 26 12.47 -6.90 15.76
N ALA A 27 12.03 -7.87 16.55
CA ALA A 27 10.83 -7.74 17.30
C ALA A 27 11.01 -6.81 18.47
N ASP A 28 12.21 -6.33 18.71
CA ASP A 28 12.40 -5.49 19.88
C ASP A 28 13.52 -4.49 19.69
N THR A 29 13.58 -4.01 18.45
CA THR A 29 14.50 -2.97 18.05
C THR A 29 14.79 -1.92 19.18
N ARG A 30 16.09 -1.80 19.48
CA ARG A 30 16.60 -0.83 20.43
C ARG A 30 16.56 0.52 19.71
N LEU A 31 16.27 1.58 20.49
CA LEU A 31 16.27 2.95 20.02
C LEU A 31 17.50 3.30 19.22
N HIS A 32 17.35 3.99 18.08
CA HIS A 32 18.56 4.29 17.31
C HIS A 32 18.36 5.46 16.38
N LEU A 33 19.46 5.88 15.74
CA LEU A 33 19.48 7.09 14.87
C LEU A 33 19.04 6.78 13.40
N ALA A 34 18.09 7.57 12.89
CA ALA A 34 17.56 7.44 11.54
C ALA A 34 17.39 8.86 10.98
N PHE A 35 16.95 9.01 9.71
CA PHE A 35 16.43 10.32 9.17
C PHE A 35 15.28 10.00 8.23
N SER A 36 14.41 10.97 7.95
CA SER A 36 13.48 10.93 6.82
C SER A 36 13.65 12.21 6.07
N SER A 37 13.43 12.12 4.74
CA SER A 37 13.51 13.27 3.88
C SER A 37 12.34 13.23 2.90
N TRP A 38 11.79 14.40 2.62
CA TRP A 38 10.67 14.61 1.72
C TRP A 38 11.27 15.37 0.56
N LEU A 39 11.28 14.73 -0.62
CA LEU A 39 11.95 15.27 -1.82
C LEU A 39 10.94 15.92 -2.74
N PHE A 40 11.27 17.11 -3.27
CA PHE A 40 10.26 17.82 -4.10
C PHE A 40 10.85 18.15 -5.49
N ASN A 41 10.11 18.04 -6.59
CA ASN A 41 10.73 18.40 -7.89
C ASN A 41 10.62 19.91 -8.14
N ALA A 42 11.10 20.38 -9.30
CA ALA A 42 10.98 21.79 -9.73
C ALA A 42 9.57 22.33 -9.76
N LYS A 43 8.60 21.43 -9.91
CA LYS A 43 7.17 21.80 -9.98
C LYS A 43 6.55 21.88 -8.60
N GLY A 44 7.29 21.50 -7.54
CA GLY A 44 6.80 21.43 -6.14
C GLY A 44 6.10 20.12 -5.74
N GLN A 45 6.09 19.15 -6.64
CA GLN A 45 5.51 17.88 -6.40
C GLN A 45 6.43 17.03 -5.50
N LEU A 46 5.79 16.35 -4.57
CA LEU A 46 6.42 15.41 -3.66
C LEU A 46 6.65 14.10 -4.38
N LEU A 47 7.84 13.54 -4.14
CA LEU A 47 8.18 12.18 -4.52
C LEU A 47 7.72 11.18 -3.45
N VAL A 48 6.70 10.36 -3.77
CA VAL A 48 6.30 9.29 -2.84
C VAL A 48 6.87 7.96 -3.34
N THR A 49 7.39 7.12 -2.45
CA THR A 49 8.04 5.94 -2.95
C THR A 49 7.41 4.73 -2.29
N ARG A 50 7.40 3.62 -3.01
CA ARG A 50 7.00 2.33 -2.47
C ARG A 50 8.27 1.52 -2.25
N ARG A 51 8.51 1.18 -1.02
CA ARG A 51 9.73 0.41 -0.68
C ARG A 51 9.74 -0.98 -1.37
N ALA A 52 10.92 -1.48 -1.83
CA ALA A 52 11.00 -2.80 -2.49
C ALA A 52 10.42 -3.91 -1.61
N LEU A 53 10.14 -5.06 -2.23
CA LEU A 53 9.58 -6.23 -1.51
C LEU A 53 10.63 -6.97 -0.71
N SER A 54 11.88 -6.71 -1.09
CA SER A 54 13.08 -7.17 -0.37
C SER A 54 13.41 -6.41 0.90
N LYS A 55 12.80 -5.25 1.19
CA LYS A 55 13.13 -4.55 2.44
C LYS A 55 12.67 -5.42 3.53
N LYS A 56 13.43 -5.43 4.61
CA LYS A 56 13.18 -6.23 5.80
C LYS A 56 12.01 -5.66 6.62
N ALA A 57 12.01 -4.35 6.79
CA ALA A 57 10.94 -3.72 7.51
C ALA A 57 9.99 -2.95 6.54
N TRP A 58 8.68 -3.10 6.74
CA TRP A 58 7.67 -2.53 5.82
C TRP A 58 7.93 -2.76 4.35
N PRO A 59 8.24 -3.98 3.92
CA PRO A 59 8.41 -4.12 2.45
C PRO A 59 7.13 -3.86 1.65
N GLY A 60 7.24 -3.37 0.43
CA GLY A 60 6.03 -3.14 -0.40
C GLY A 60 5.15 -1.98 0.07
N VAL A 61 5.68 -1.14 0.95
CA VAL A 61 4.89 -0.07 1.61
C VAL A 61 5.13 1.32 1.05
N TRP A 62 4.06 2.07 0.82
CA TRP A 62 4.16 3.47 0.40
C TRP A 62 4.62 4.38 1.53
N THR A 63 5.47 5.32 1.14
CA THR A 63 6.23 6.10 2.10
C THR A 63 6.79 7.44 1.50
N ASN A 64 7.37 8.28 2.37
CA ASN A 64 7.99 9.54 1.91
C ASN A 64 9.26 9.20 1.13
N SER A 65 9.95 10.18 0.61
CA SER A 65 10.85 9.94 -0.52
C SER A 65 12.01 9.03 -0.18
N VAL A 66 12.78 9.44 0.81
CA VAL A 66 13.97 8.70 1.23
C VAL A 66 14.24 8.81 2.70
N CYS A 67 14.43 7.62 3.28
CA CYS A 67 14.72 7.44 4.69
C CYS A 67 15.88 6.49 4.79
N GLY A 68 16.54 6.54 5.95
CA GLY A 68 17.77 5.78 6.18
C GLY A 68 18.34 6.04 7.56
N HIS A 69 19.61 5.66 7.71
CA HIS A 69 20.25 5.45 9.03
C HIS A 69 21.63 6.10 8.89
N PRO A 70 21.91 7.21 9.60
CA PRO A 70 23.26 7.80 9.50
C PRO A 70 24.30 6.90 10.14
N GLN A 71 25.52 6.91 9.58
CA GLN A 71 26.65 6.04 10.06
C GLN A 71 27.60 6.81 11.00
N LEU A 72 28.51 6.16 11.71
CA LEU A 72 29.47 6.94 12.55
C LEU A 72 30.16 8.07 11.75
N GLY A 73 30.22 9.28 12.28
CA GLY A 73 31.05 10.30 11.67
C GLY A 73 30.37 11.05 10.54
N GLU A 74 29.16 10.61 10.19
CA GLU A 74 28.32 11.28 9.16
C GLU A 74 27.26 12.22 9.77
N SER A 75 27.12 13.45 9.25
CA SER A 75 26.02 14.30 9.62
C SER A 75 24.69 13.71 9.06
N ASN A 76 23.56 14.12 9.63
CA ASN A 76 22.25 13.71 9.15
C ASN A 76 22.09 14.08 7.68
N GLU A 77 22.58 15.27 7.35
CA GLU A 77 22.34 15.88 6.05
C GLU A 77 23.15 15.13 4.96
N ASP A 78 24.32 14.62 5.34
CA ASP A 78 25.11 13.82 4.44
C ASP A 78 24.51 12.44 4.30
N ALA A 79 23.86 11.96 5.34
CA ALA A 79 23.13 10.72 5.25
C ALA A 79 22.00 10.85 4.20
N VAL A 80 21.22 11.93 4.28
CA VAL A 80 20.15 12.25 3.27
C VAL A 80 20.73 12.20 1.83
N ILE A 81 21.76 13.01 1.54
CA ILE A 81 22.45 13.03 0.27
C ILE A 81 22.88 11.64 -0.22
N ARG A 82 23.55 10.86 0.64
CA ARG A 82 24.09 9.55 0.24
C ARG A 82 22.96 8.61 -0.14
N ARG A 83 21.88 8.60 0.66
CA ARG A 83 20.74 7.68 0.35
C ARG A 83 19.94 8.08 -0.90
N CYS A 84 19.76 9.37 -1.14
CA CYS A 84 19.18 9.89 -2.37
C CYS A 84 19.96 9.40 -3.61
N ARG A 85 21.29 9.38 -3.54
CA ARG A 85 22.10 8.94 -4.65
C ARG A 85 22.02 7.43 -4.78
N TYR A 86 22.15 6.80 -3.61
CA TYR A 86 22.07 5.39 -3.54
C TYR A 86 20.67 4.85 -3.93
N GLU A 87 19.60 5.39 -3.38
CA GLU A 87 18.25 4.76 -3.67
C GLU A 87 17.59 5.23 -4.97
N LEU A 88 17.84 6.48 -5.32
CA LEU A 88 17.05 7.14 -6.32
C LEU A 88 17.94 7.71 -7.42
N GLY A 89 19.26 7.66 -7.27
CA GLY A 89 20.13 8.05 -8.36
C GLY A 89 20.23 9.56 -8.52
N VAL A 90 19.81 10.30 -7.48
CA VAL A 90 19.39 11.69 -7.68
C VAL A 90 20.16 12.66 -6.81
N GLU A 91 20.46 13.84 -7.38
CA GLU A 91 21.11 14.94 -6.69
C GLU A 91 20.06 15.82 -6.04
N ILE A 92 20.41 16.48 -4.94
CA ILE A 92 19.44 17.30 -4.21
C ILE A 92 20.05 18.58 -3.70
N THR A 93 19.19 19.54 -3.39
CA THR A 93 19.64 20.76 -2.72
C THR A 93 19.97 20.42 -1.25
N PRO A 94 20.73 21.31 -0.51
CA PRO A 94 21.04 21.02 0.93
C PRO A 94 19.79 20.65 1.78
N PRO A 95 19.74 19.47 2.39
CA PRO A 95 18.50 19.20 3.12
C PRO A 95 18.17 20.25 4.17
N GLU A 96 16.89 20.58 4.26
CA GLU A 96 16.39 21.53 5.28
C GLU A 96 15.70 20.78 6.39
N SER A 97 16.05 21.05 7.63
CA SER A 97 15.21 20.68 8.80
C SER A 97 13.70 20.96 8.77
N ILE A 98 12.91 19.92 8.96
CA ILE A 98 11.50 20.10 9.08
C ILE A 98 10.89 19.65 10.44
N TYR A 99 11.47 18.63 11.07
CA TYR A 99 10.91 18.08 12.31
C TYR A 99 12.07 17.40 12.96
N PRO A 100 12.90 18.16 13.72
CA PRO A 100 14.23 17.75 14.27
C PRO A 100 14.14 16.80 15.48
N ASP A 101 13.01 16.90 16.16
CA ASP A 101 12.73 16.09 17.39
C ASP A 101 11.77 14.89 17.21
N PHE A 102 11.49 14.45 15.95
CA PHE A 102 10.63 13.27 15.70
C PHE A 102 11.29 12.00 16.23
N ARG A 103 10.52 11.22 16.97
CA ARG A 103 10.97 9.97 17.49
C ARG A 103 9.68 9.16 17.55
N TYR A 104 9.77 7.89 17.17
CA TYR A 104 8.58 7.01 17.12
C TYR A 104 9.07 5.57 17.33
N ARG A 105 8.11 4.69 17.63
CA ARG A 105 8.34 3.25 17.64
C ARG A 105 7.13 2.62 16.98
N ALA A 106 7.34 1.58 16.16
CA ALA A 106 6.21 0.98 15.44
C ALA A 106 6.54 -0.44 15.00
N THR A 107 5.50 -1.24 14.82
CA THR A 107 5.61 -2.68 14.44
C THR A 107 5.01 -2.92 13.07
N ASP A 108 5.77 -3.60 12.23
CA ASP A 108 5.36 -3.92 10.90
C ASP A 108 4.51 -5.22 10.85
N PRO A 109 3.91 -5.57 9.67
CA PRO A 109 2.90 -6.64 9.66
C PRO A 109 3.42 -8.01 10.03
N SER A 110 4.74 -8.18 9.89
CA SER A 110 5.43 -9.39 10.30
C SER A 110 6.10 -9.21 11.69
N GLY A 111 5.85 -8.08 12.35
CA GLY A 111 6.37 -7.83 13.71
C GLY A 111 7.81 -7.31 13.89
N ILE A 112 8.39 -6.79 12.82
CA ILE A 112 9.66 -6.07 12.91
C ILE A 112 9.36 -4.63 13.37
N VAL A 113 10.08 -4.21 14.40
CA VAL A 113 9.90 -2.92 15.03
C VAL A 113 10.93 -1.92 14.42
N GLU A 114 10.47 -0.69 14.16
CA GLU A 114 11.36 0.42 14.09
C GLU A 114 11.21 1.23 15.37
N ASN A 115 12.35 1.66 15.89
CA ASN A 115 12.45 2.37 17.18
C ASN A 115 13.47 3.43 16.94
N GLU A 116 13.04 4.64 16.61
CA GLU A 116 14.00 5.61 16.08
C GLU A 116 13.84 7.04 16.62
N VAL A 117 14.99 7.68 16.83
CA VAL A 117 15.08 9.10 16.93
C VAL A 117 15.28 9.43 15.45
N CYS A 118 14.34 10.16 14.86
CA CYS A 118 14.28 10.24 13.41
C CYS A 118 14.06 11.67 12.90
N PRO A 119 15.10 12.55 12.99
CA PRO A 119 15.00 13.86 12.35
C PRO A 119 14.52 13.84 10.88
N VAL A 120 13.67 14.80 10.53
CA VAL A 120 13.02 14.89 9.21
C VAL A 120 13.55 16.10 8.43
N PHE A 121 13.80 15.91 7.14
CA PHE A 121 14.41 16.90 6.25
C PHE A 121 13.55 17.00 4.99
N ALA A 122 13.81 18.04 4.21
CA ALA A 122 13.17 18.31 2.92
C ALA A 122 14.27 18.83 1.98
N ALA A 123 14.12 18.54 0.69
CA ALA A 123 15.07 19.03 -0.32
C ALA A 123 14.41 19.01 -1.68
N ARG A 124 15.00 19.68 -2.65
CA ARG A 124 14.56 19.61 -4.01
C ARG A 124 15.52 18.82 -4.86
N THR A 125 14.98 18.10 -5.82
CA THR A 125 15.84 17.22 -6.64
C THR A 125 16.41 18.10 -7.71
N THR A 126 17.60 17.80 -8.18
CA THR A 126 18.26 18.65 -9.14
C THR A 126 18.76 17.82 -10.35
N SER A 127 18.46 16.53 -10.35
CA SER A 127 18.74 15.74 -11.57
C SER A 127 17.58 14.80 -11.76
N ALA A 128 17.64 13.94 -12.80
CA ALA A 128 16.62 12.94 -13.08
C ALA A 128 16.80 11.75 -12.14
N LEU A 129 15.70 11.11 -11.77
CA LEU A 129 15.77 9.89 -11.00
C LEU A 129 16.35 8.82 -11.86
N GLN A 130 17.10 7.94 -11.20
CA GLN A 130 17.59 6.71 -11.75
C GLN A 130 17.40 5.68 -10.66
N ILE A 131 16.31 4.95 -10.73
CA ILE A 131 15.79 4.16 -9.61
C ILE A 131 16.60 2.89 -9.40
N ASN A 132 16.97 2.67 -8.13
CA ASN A 132 17.55 1.45 -7.64
C ASN A 132 16.44 0.51 -7.18
N ASP A 133 16.17 -0.53 -7.95
CA ASP A 133 14.99 -1.35 -7.65
C ASP A 133 15.23 -2.34 -6.54
N ASP A 134 16.44 -2.39 -5.96
CA ASP A 134 16.60 -3.07 -4.68
C ASP A 134 16.00 -2.26 -3.53
N GLU A 135 15.68 -0.99 -3.77
CA GLU A 135 15.21 -0.15 -2.66
C GLU A 135 13.82 0.29 -2.89
N VAL A 136 13.53 0.63 -4.14
CA VAL A 136 12.28 1.24 -4.54
C VAL A 136 11.63 0.40 -5.63
N MET A 137 10.37 0.03 -5.40
CA MET A 137 9.62 -0.73 -6.40
C MET A 137 8.63 0.13 -7.21
N ASP A 138 8.34 1.34 -6.77
CA ASP A 138 7.26 2.13 -7.41
C ASP A 138 7.46 3.56 -6.89
N TYR A 139 7.16 4.55 -7.71
CA TYR A 139 7.10 5.91 -7.19
C TYR A 139 6.07 6.74 -7.89
N GLN A 140 5.78 7.88 -7.30
CA GLN A 140 4.83 8.75 -7.88
C GLN A 140 5.24 10.20 -7.54
N TRP A 141 5.09 11.09 -8.51
CA TRP A 141 5.14 12.59 -8.25
C TRP A 141 3.79 13.07 -8.02
N CYS A 142 3.55 13.66 -6.87
CA CYS A 142 2.27 14.30 -6.70
C CYS A 142 2.13 15.60 -5.88
N ASP A 143 0.91 16.09 -5.83
CA ASP A 143 0.55 17.21 -5.01
C ASP A 143 0.65 16.81 -3.54
N LEU A 144 1.46 17.54 -2.80
CA LEU A 144 1.48 17.47 -1.33
C LEU A 144 0.11 17.34 -0.65
N ALA A 145 -0.83 18.21 -0.99
CA ALA A 145 -2.17 18.27 -0.35
C ALA A 145 -2.97 16.96 -0.59
N ASP A 146 -2.89 16.43 -1.82
CA ASP A 146 -3.43 15.12 -2.15
C ASP A 146 -2.88 14.06 -1.21
N VAL A 147 -1.57 14.10 -1.00
CA VAL A 147 -0.91 13.06 -0.16
C VAL A 147 -1.30 13.19 1.32
N LEU A 148 -1.30 14.42 1.85
CA LEU A 148 -1.81 14.67 3.23
C LEU A 148 -3.28 14.30 3.41
N HIS A 149 -4.11 14.43 2.35
CA HIS A 149 -5.52 13.93 2.41
C HIS A 149 -5.62 12.39 2.43
N GLY A 150 -4.85 11.68 1.59
CA GLY A 150 -4.73 10.23 1.66
C GLY A 150 -4.24 9.78 3.03
N ILE A 151 -3.13 10.35 3.49
CA ILE A 151 -2.70 10.11 4.84
C ILE A 151 -3.79 10.30 5.94
N ASP A 152 -4.52 11.43 5.98
CA ASP A 152 -5.59 11.65 7.01
C ASP A 152 -6.79 10.68 6.80
N ALA A 153 -6.94 10.12 5.60
CA ALA A 153 -8.18 9.39 5.30
C ALA A 153 -7.91 7.92 5.45
N THR A 154 -6.77 7.52 4.90
CA THR A 154 -6.36 6.12 4.96
C THR A 154 -4.89 5.96 5.46
N PRO A 155 -4.65 6.27 6.77
CA PRO A 155 -3.25 6.16 7.27
C PRO A 155 -2.61 4.78 7.13
N TRP A 156 -3.40 3.72 7.16
CA TRP A 156 -2.84 2.44 7.15
C TRP A 156 -2.32 2.14 5.75
N ALA A 157 -2.63 3.00 4.78
CA ALA A 157 -2.06 2.75 3.45
C ALA A 157 -0.62 3.22 3.26
N PHE A 158 -0.01 3.83 4.29
CA PHE A 158 1.34 4.47 4.23
C PHE A 158 2.19 4.00 5.43
N SER A 159 3.50 4.31 5.43
CA SER A 159 4.35 3.86 6.54
C SER A 159 3.97 4.63 7.81
N PRO A 160 4.10 4.00 8.97
CA PRO A 160 3.79 4.69 10.20
C PRO A 160 4.60 5.93 10.44
N TRP A 161 5.86 5.99 10.00
CA TRP A 161 6.62 7.24 10.22
C TRP A 161 6.17 8.35 9.27
N MET A 162 5.81 7.99 8.06
CA MET A 162 5.19 9.02 7.19
C MET A 162 3.92 9.69 7.75
N VAL A 163 2.98 8.87 8.22
CA VAL A 163 1.71 9.34 8.78
C VAL A 163 1.98 10.21 10.04
N MET A 164 2.82 9.72 10.93
CA MET A 164 3.13 10.46 12.21
C MET A 164 3.88 11.78 11.92
N GLN A 165 4.84 11.73 11.00
CA GLN A 165 5.51 12.93 10.52
C GLN A 165 4.52 13.97 9.96
N ALA A 166 3.66 13.52 9.04
CA ALA A 166 2.73 14.40 8.32
C ALA A 166 1.59 14.84 9.22
N THR A 167 1.43 14.12 10.33
CA THR A 167 0.33 14.52 11.19
C THR A 167 0.76 15.51 12.29
N ASN A 168 2.04 15.81 12.38
CA ASN A 168 2.48 16.81 13.33
C ASN A 168 2.11 18.18 12.73
N ARG A 169 1.31 18.95 13.46
CA ARG A 169 0.90 20.32 13.08
C ARG A 169 2.02 21.16 12.46
N GLU A 170 3.17 21.25 13.13
CA GLU A 170 4.25 22.13 12.67
C GLU A 170 5.02 21.55 11.49
N ALA A 171 5.27 20.25 11.58
CA ALA A 171 5.90 19.49 10.50
C ALA A 171 5.11 19.63 9.17
N ARG A 172 3.78 19.49 9.24
CA ARG A 172 2.88 19.71 8.10
C ARG A 172 2.95 21.13 7.58
N LYS A 173 2.95 22.10 8.49
CA LYS A 173 3.06 23.52 8.07
C LYS A 173 4.40 23.84 7.36
N ARG A 174 5.52 23.37 7.88
CA ARG A 174 6.85 23.48 7.22
C ARG A 174 7.00 22.81 5.84
N LEU A 175 6.45 21.60 5.72
CA LEU A 175 6.37 20.86 4.44
C LEU A 175 5.59 21.64 3.37
N SER A 176 4.43 22.16 3.76
CA SER A 176 3.70 23.10 2.90
C SER A 176 4.48 24.30 2.47
N ALA A 177 4.98 25.04 3.45
CA ALA A 177 5.80 26.26 3.18
C ALA A 177 6.93 25.91 2.26
N PHE A 178 7.57 24.75 2.51
CA PHE A 178 8.67 24.27 1.64
C PHE A 178 8.36 24.25 0.13
N THR A 179 7.16 23.74 -0.22
CA THR A 179 6.70 23.61 -1.64
C THR A 179 6.55 24.90 -2.45
N GLU B 4 -6.24 -25.17 -9.88
CA GLU B 4 -7.21 -24.04 -10.17
C GLU B 4 -6.95 -23.38 -11.57
N HIS B 5 -8.03 -22.98 -12.26
CA HIS B 5 -7.94 -22.40 -13.59
C HIS B 5 -8.58 -21.00 -13.72
N VAL B 6 -8.41 -20.44 -14.91
CA VAL B 6 -9.21 -19.36 -15.37
C VAL B 6 -9.98 -19.78 -16.62
N ILE B 7 -11.16 -19.17 -16.76
CA ILE B 7 -12.00 -19.25 -17.96
C ILE B 7 -11.64 -18.09 -18.97
N LEU B 8 -10.94 -18.47 -20.05
CA LEU B 8 -10.51 -17.61 -21.09
C LEU B 8 -11.73 -17.18 -21.90
N LEU B 9 -11.72 -15.93 -22.33
CA LEU B 9 -12.81 -15.33 -23.07
C LEU B 9 -12.25 -14.79 -24.40
N ASN B 10 -13.12 -14.71 -25.43
CA ASN B 10 -12.82 -13.91 -26.63
C ASN B 10 -13.10 -12.43 -26.36
N ALA B 11 -12.82 -11.60 -27.36
CA ALA B 11 -12.90 -10.17 -27.16
C ALA B 11 -14.30 -9.74 -26.77
N GLN B 12 -15.28 -10.57 -27.09
CA GLN B 12 -16.64 -10.15 -26.79
C GLN B 12 -17.15 -10.68 -25.44
N GLY B 13 -16.22 -11.27 -24.66
CA GLY B 13 -16.53 -11.91 -23.36
C GLY B 13 -17.15 -13.31 -23.39
N VAL B 14 -17.10 -14.02 -24.51
CA VAL B 14 -17.70 -15.34 -24.59
C VAL B 14 -16.66 -16.36 -24.20
N PRO B 15 -16.99 -17.21 -23.20
CA PRO B 15 -16.02 -18.21 -22.73
C PRO B 15 -15.60 -19.10 -23.89
N THR B 16 -14.30 -19.29 -24.09
CA THR B 16 -13.84 -20.24 -25.14
C THR B 16 -12.89 -21.36 -24.66
N GLY B 17 -12.37 -21.30 -23.45
CA GLY B 17 -11.39 -22.28 -23.02
C GLY B 17 -11.05 -22.04 -21.56
N THR B 18 -10.06 -22.80 -21.02
CA THR B 18 -9.55 -22.67 -19.64
C THR B 18 -8.02 -22.70 -19.73
N LEU B 19 -7.37 -22.18 -18.69
CA LEU B 19 -5.89 -22.18 -18.54
C LEU B 19 -5.60 -22.13 -17.06
N GLU B 20 -4.65 -22.96 -16.64
CA GLU B 20 -4.09 -22.91 -15.27
C GLU B 20 -3.84 -21.42 -14.80
N LYS B 21 -4.40 -21.12 -13.63
CA LYS B 21 -4.40 -19.84 -13.03
C LYS B 21 -3.00 -19.21 -12.90
N TYR B 22 -2.05 -19.87 -12.25
CA TYR B 22 -0.69 -19.32 -12.22
C TYR B 22 -0.15 -18.93 -13.63
N ALA B 23 -0.29 -19.88 -14.58
CA ALA B 23 0.31 -19.69 -15.88
C ALA B 23 -0.40 -18.63 -16.68
N ALA B 24 -1.71 -18.50 -16.42
CA ALA B 24 -2.55 -17.56 -17.17
C ALA B 24 -2.11 -16.09 -16.95
N HIS B 25 -1.33 -15.82 -15.88
CA HIS B 25 -1.16 -14.39 -15.49
C HIS B 25 0.30 -14.07 -15.80
N THR B 26 0.54 -13.42 -16.91
CA THR B 26 1.93 -13.20 -17.27
C THR B 26 2.07 -11.72 -17.73
N ALA B 27 3.18 -11.41 -18.38
CA ALA B 27 3.28 -10.13 -19.05
C ALA B 27 2.36 -10.10 -20.26
N ASP B 28 1.62 -11.18 -20.54
CA ASP B 28 0.79 -11.39 -21.78
C ASP B 28 -0.70 -11.79 -21.55
N THR B 29 -1.20 -11.52 -20.36
CA THR B 29 -2.40 -12.19 -19.84
C THR B 29 -3.58 -12.04 -20.77
N ARG B 30 -4.15 -13.16 -21.22
CA ARG B 30 -5.37 -13.11 -22.03
C ARG B 30 -6.60 -12.88 -21.16
N LEU B 31 -7.55 -12.17 -21.76
CA LEU B 31 -8.85 -12.00 -21.18
C LEU B 31 -9.49 -13.29 -20.51
N HIS B 32 -9.91 -13.11 -19.26
CA HIS B 32 -10.59 -14.17 -18.53
C HIS B 32 -11.62 -13.54 -17.56
N LEU B 33 -12.44 -14.44 -17.01
CA LEU B 33 -13.49 -14.16 -16.05
C LEU B 33 -12.90 -14.07 -14.63
N ALA B 34 -13.45 -13.12 -13.89
CA ALA B 34 -13.09 -12.84 -12.50
C ALA B 34 -14.28 -12.20 -11.79
N PHE B 35 -14.03 -11.73 -10.57
CA PHE B 35 -15.03 -11.02 -9.79
C PHE B 35 -14.30 -10.22 -8.73
N SER B 36 -14.99 -9.23 -8.20
CA SER B 36 -14.52 -8.52 -7.01
C SER B 36 -15.67 -8.41 -6.05
N SER B 37 -15.35 -8.32 -4.77
CA SER B 37 -16.42 -8.13 -3.77
C SER B 37 -15.95 -7.25 -2.64
N TRP B 38 -16.90 -6.46 -2.20
CA TRP B 38 -16.79 -5.51 -1.14
C TRP B 38 -17.67 -6.05 -0.02
N LEU B 39 -17.05 -6.32 1.12
CA LEU B 39 -17.69 -6.96 2.24
C LEU B 39 -17.78 -5.95 3.39
N PHE B 40 -18.93 -5.92 4.05
CA PHE B 40 -19.22 -4.97 5.16
C PHE B 40 -19.65 -5.75 6.37
N ASN B 41 -19.16 -5.47 7.58
CA ASN B 41 -19.65 -6.13 8.79
C ASN B 41 -21.01 -5.55 9.25
N ALA B 42 -21.52 -6.08 10.35
CA ALA B 42 -22.80 -5.59 10.94
C ALA B 42 -22.72 -4.12 11.40
N LYS B 43 -21.50 -3.67 11.76
CA LYS B 43 -21.24 -2.26 12.11
C LYS B 43 -21.10 -1.40 10.85
N GLY B 44 -21.27 -2.00 9.65
CA GLY B 44 -21.27 -1.21 8.38
C GLY B 44 -19.91 -0.68 7.87
N GLN B 45 -18.82 -1.11 8.49
CA GLN B 45 -17.45 -0.84 8.02
C GLN B 45 -17.04 -1.78 6.89
N LEU B 46 -16.27 -1.23 5.95
CA LEU B 46 -15.68 -1.98 4.84
C LEU B 46 -14.43 -2.76 5.29
N LEU B 47 -14.39 -4.06 4.95
CA LEU B 47 -13.13 -4.80 4.98
C LEU B 47 -12.18 -4.46 3.81
N VAL B 48 -11.10 -3.74 4.16
CA VAL B 48 -10.06 -3.46 3.18
C VAL B 48 -8.92 -4.46 3.49
N THR B 49 -8.34 -5.08 2.45
CA THR B 49 -7.33 -6.09 2.69
C THR B 49 -6.03 -5.75 1.97
N ARG B 50 -4.91 -6.29 2.46
CA ARG B 50 -3.61 -6.08 1.80
C ARG B 50 -3.10 -7.43 1.27
N ARG B 51 -2.91 -7.56 -0.04
CA ARG B 51 -2.59 -8.84 -0.68
C ARG B 51 -1.24 -9.32 -0.15
N ALA B 52 -1.10 -10.64 0.14
CA ALA B 52 0.20 -11.17 0.57
C ALA B 52 1.39 -10.91 -0.41
N LEU B 53 2.59 -10.85 0.11
CA LEU B 53 3.82 -10.55 -0.66
C LEU B 53 4.08 -11.70 -1.60
N SER B 54 3.47 -12.87 -1.30
CA SER B 54 3.48 -14.05 -2.15
C SER B 54 2.60 -14.00 -3.43
N LYS B 55 1.58 -13.19 -3.48
CA LYS B 55 0.70 -13.26 -4.65
C LYS B 55 1.48 -12.87 -5.89
N LYS B 56 1.18 -13.50 -7.01
CA LYS B 56 1.80 -13.21 -8.29
C LYS B 56 1.68 -11.81 -8.73
N ALA B 57 0.46 -11.30 -8.66
CA ALA B 57 0.14 -10.00 -9.20
C ALA B 57 -0.28 -9.05 -8.07
N TRP B 58 0.15 -7.79 -8.16
CA TRP B 58 -0.04 -6.82 -7.06
C TRP B 58 0.27 -7.35 -5.63
N PRO B 59 1.45 -7.99 -5.44
CA PRO B 59 1.82 -8.40 -4.03
C PRO B 59 1.93 -7.17 -3.08
N GLY B 60 1.51 -7.30 -1.83
CA GLY B 60 1.61 -6.15 -0.92
C GLY B 60 0.78 -4.94 -1.18
N VAL B 61 -0.30 -5.10 -1.95
CA VAL B 61 -1.09 -4.03 -2.37
C VAL B 61 -2.47 -4.01 -1.66
N TRP B 62 -2.91 -2.81 -1.22
CA TRP B 62 -4.23 -2.58 -0.59
C TRP B 62 -5.34 -2.59 -1.66
N THR B 63 -6.38 -3.38 -1.33
CA THR B 63 -7.46 -3.70 -2.27
C THR B 63 -8.78 -3.90 -1.54
N ASN B 64 -9.89 -4.03 -2.28
CA ASN B 64 -11.19 -4.34 -1.68
C ASN B 64 -11.17 -5.68 -1.05
N SER B 65 -12.32 -6.13 -0.59
CA SER B 65 -12.35 -7.16 0.38
C SER B 65 -11.84 -8.50 -0.15
N VAL B 66 -12.48 -9.01 -1.19
CA VAL B 66 -12.04 -10.31 -1.77
C VAL B 66 -12.25 -10.33 -3.27
N CYS B 67 -11.27 -10.91 -3.97
CA CYS B 67 -11.24 -10.88 -5.40
C CYS B 67 -10.79 -12.26 -5.80
N GLY B 68 -11.31 -12.78 -6.92
CA GLY B 68 -10.92 -14.08 -7.40
C GLY B 68 -11.41 -14.46 -8.77
N HIS B 69 -11.41 -15.74 -9.11
CA HIS B 69 -11.58 -16.11 -10.52
C HIS B 69 -12.61 -17.23 -10.49
N PRO B 70 -13.83 -17.03 -11.04
CA PRO B 70 -14.70 -18.21 -11.04
C PRO B 70 -14.10 -19.38 -11.89
N GLN B 71 -14.43 -20.60 -11.44
CA GLN B 71 -14.08 -21.84 -12.13
C GLN B 71 -15.14 -22.37 -13.10
N LEU B 72 -14.75 -23.37 -13.88
CA LEU B 72 -15.58 -23.85 -14.92
C LEU B 72 -16.92 -24.31 -14.30
N GLY B 73 -18.04 -23.78 -14.81
CA GLY B 73 -19.34 -24.18 -14.31
C GLY B 73 -19.78 -23.53 -12.99
N GLU B 74 -19.07 -22.56 -12.47
CA GLU B 74 -19.39 -22.06 -11.11
C GLU B 74 -19.88 -20.67 -11.32
N SER B 75 -21.09 -20.39 -10.85
CA SER B 75 -21.66 -19.06 -10.96
C SER B 75 -20.73 -18.09 -10.24
N ASN B 76 -20.92 -16.83 -10.58
CA ASN B 76 -20.09 -15.74 -10.03
C ASN B 76 -20.34 -15.62 -8.50
N GLU B 77 -21.57 -15.82 -8.05
CA GLU B 77 -21.92 -15.63 -6.62
C GLU B 77 -21.34 -16.76 -5.73
N ASP B 78 -21.31 -17.96 -6.26
CA ASP B 78 -20.62 -19.05 -5.59
C ASP B 78 -19.10 -18.89 -5.50
N ALA B 79 -18.50 -18.32 -6.55
CA ALA B 79 -17.06 -18.01 -6.51
C ALA B 79 -16.85 -16.98 -5.39
N VAL B 80 -17.68 -15.97 -5.31
CA VAL B 80 -17.51 -15.00 -4.14
C VAL B 80 -17.49 -15.72 -2.76
N ILE B 81 -18.58 -16.46 -2.51
CA ILE B 81 -18.77 -17.21 -1.29
C ILE B 81 -17.62 -18.11 -1.02
N ARG B 82 -17.15 -18.83 -2.04
CA ARG B 82 -15.96 -19.66 -1.93
C ARG B 82 -14.67 -18.91 -1.52
N ARG B 83 -14.34 -17.80 -2.19
CA ARG B 83 -13.05 -17.14 -1.80
C ARG B 83 -13.18 -16.42 -0.48
N CYS B 84 -14.40 -16.03 -0.11
CA CYS B 84 -14.57 -15.45 1.26
C CYS B 84 -14.14 -16.50 2.31
N ARG B 85 -14.74 -17.66 2.22
CA ARG B 85 -14.39 -18.75 3.16
C ARG B 85 -12.92 -19.03 3.04
N TYR B 86 -12.36 -19.07 1.82
CA TYR B 86 -10.99 -19.51 1.65
C TYR B 86 -9.90 -18.49 2.07
N GLU B 87 -10.01 -17.23 1.60
CA GLU B 87 -9.04 -16.15 1.93
C GLU B 87 -9.25 -15.60 3.38
N LEU B 88 -10.51 -15.52 3.79
CA LEU B 88 -10.88 -14.68 4.94
C LEU B 88 -11.57 -15.48 6.01
N GLY B 89 -11.85 -16.75 5.69
CA GLY B 89 -12.57 -17.65 6.56
C GLY B 89 -13.93 -17.19 6.98
N VAL B 90 -14.62 -16.39 6.15
CA VAL B 90 -15.89 -15.74 6.60
C VAL B 90 -17.15 -16.21 5.82
N GLU B 91 -18.32 -16.23 6.52
CA GLU B 91 -19.69 -16.28 5.90
C GLU B 91 -20.24 -14.88 5.61
N ILE B 92 -21.15 -14.83 4.62
CA ILE B 92 -21.66 -13.61 4.04
C ILE B 92 -23.18 -13.74 3.73
N THR B 93 -23.84 -12.63 3.45
CA THR B 93 -25.23 -12.52 2.98
C THR B 93 -25.16 -12.73 1.45
N PRO B 94 -26.32 -12.83 0.75
CA PRO B 94 -26.28 -13.11 -0.69
C PRO B 94 -25.60 -11.95 -1.44
N PRO B 95 -24.54 -12.22 -2.23
CA PRO B 95 -23.91 -11.12 -2.95
C PRO B 95 -24.93 -10.40 -3.82
N GLU B 96 -25.05 -9.10 -3.64
CA GLU B 96 -25.82 -8.26 -4.53
C GLU B 96 -24.88 -7.83 -5.67
N SER B 97 -25.43 -7.81 -6.91
CA SER B 97 -24.71 -7.33 -8.08
C SER B 97 -24.73 -5.81 -8.14
N ILE B 98 -23.54 -5.20 -8.07
CA ILE B 98 -23.43 -3.75 -8.05
C ILE B 98 -22.76 -3.11 -9.28
N TYR B 99 -22.08 -3.93 -10.10
CA TYR B 99 -21.32 -3.45 -11.25
C TYR B 99 -21.04 -4.64 -12.21
N PRO B 100 -22.12 -5.17 -12.84
CA PRO B 100 -22.02 -6.43 -13.61
C PRO B 100 -21.19 -6.34 -14.92
N ASP B 101 -20.94 -5.16 -15.43
CA ASP B 101 -20.27 -5.04 -16.74
C ASP B 101 -18.81 -4.57 -16.57
N PHE B 102 -18.31 -4.58 -15.34
CA PHE B 102 -16.98 -4.04 -15.15
C PHE B 102 -16.04 -4.99 -15.95
N ARG B 103 -14.95 -4.47 -16.51
CA ARG B 103 -14.04 -5.18 -17.36
C ARG B 103 -12.83 -4.31 -17.47
N TYR B 104 -11.62 -4.82 -17.26
CA TYR B 104 -10.43 -3.93 -17.32
C TYR B 104 -9.19 -4.71 -17.76
N ARG B 105 -8.10 -3.97 -18.01
CA ARG B 105 -6.79 -4.54 -18.25
C ARG B 105 -5.83 -3.64 -17.46
N ALA B 106 -4.86 -4.23 -16.79
CA ALA B 106 -3.96 -3.47 -15.96
C ALA B 106 -2.69 -4.21 -15.72
N THR B 107 -1.61 -3.46 -15.52
CA THR B 107 -0.27 -4.01 -15.26
C THR B 107 0.20 -3.62 -13.86
N ASP B 108 0.77 -4.60 -13.19
CA ASP B 108 1.32 -4.41 -11.85
C ASP B 108 2.73 -3.77 -11.86
N PRO B 109 3.30 -3.51 -10.64
CA PRO B 109 4.64 -2.93 -10.50
C PRO B 109 5.72 -3.69 -11.25
N SER B 110 5.58 -5.00 -11.46
CA SER B 110 6.63 -5.77 -12.16
C SER B 110 6.33 -6.28 -13.60
N GLY B 111 5.23 -5.82 -14.19
CA GLY B 111 4.90 -6.18 -15.56
C GLY B 111 3.86 -7.28 -15.71
N ILE B 112 3.35 -7.77 -14.59
CA ILE B 112 2.31 -8.82 -14.61
C ILE B 112 0.95 -8.19 -14.97
N VAL B 113 0.30 -8.78 -15.96
CA VAL B 113 -0.99 -8.28 -16.43
C VAL B 113 -2.23 -9.00 -15.82
N GLU B 114 -3.26 -8.20 -15.47
CA GLU B 114 -4.61 -8.73 -15.30
C GLU B 114 -5.43 -8.25 -16.44
N ASN B 115 -6.27 -9.10 -16.98
CA ASN B 115 -7.07 -8.74 -18.14
C ASN B 115 -8.41 -9.48 -17.91
N GLU B 116 -9.47 -8.76 -17.51
CA GLU B 116 -10.61 -9.46 -16.86
C GLU B 116 -11.97 -8.88 -17.11
N VAL B 117 -12.92 -9.77 -17.35
CA VAL B 117 -14.34 -9.43 -17.22
C VAL B 117 -14.63 -9.70 -15.77
N CYS B 118 -14.94 -8.66 -15.02
CA CYS B 118 -14.82 -8.73 -13.58
C CYS B 118 -16.05 -8.15 -12.86
N PRO B 119 -17.26 -8.82 -12.99
CA PRO B 119 -18.44 -8.29 -12.27
C PRO B 119 -18.14 -8.09 -10.79
N VAL B 120 -18.83 -7.10 -10.18
CA VAL B 120 -18.55 -6.65 -8.79
C VAL B 120 -19.74 -6.88 -7.89
N PHE B 121 -19.44 -7.35 -6.68
CA PHE B 121 -20.44 -7.76 -5.72
C PHE B 121 -20.28 -7.04 -4.39
N ALA B 122 -21.38 -6.91 -3.65
CA ALA B 122 -21.35 -6.38 -2.27
C ALA B 122 -22.13 -7.39 -1.35
N ALA B 123 -21.55 -7.68 -0.18
CA ALA B 123 -22.25 -8.48 0.84
C ALA B 123 -21.85 -8.05 2.30
N ARG B 124 -22.51 -8.65 3.28
CA ARG B 124 -22.23 -8.46 4.73
C ARG B 124 -21.59 -9.68 5.18
N THR B 125 -20.59 -9.56 6.07
CA THR B 125 -19.99 -10.70 6.75
C THR B 125 -20.93 -11.18 7.94
N THR B 126 -20.97 -12.50 8.22
CA THR B 126 -21.92 -12.99 9.21
C THR B 126 -21.15 -13.81 10.24
N SER B 127 -19.82 -13.80 10.19
CA SER B 127 -19.07 -14.53 11.16
C SER B 127 -17.77 -13.78 11.34
N ALA B 128 -16.95 -14.17 12.32
CA ALA B 128 -15.58 -13.68 12.49
C ALA B 128 -14.62 -14.07 11.34
N LEU B 129 -13.64 -13.21 11.09
CA LEU B 129 -12.55 -13.47 10.16
C LEU B 129 -11.58 -14.48 10.72
N GLN B 130 -11.10 -15.34 9.84
CA GLN B 130 -9.93 -16.11 10.11
C GLN B 130 -9.10 -16.03 8.83
N ILE B 131 -8.18 -15.07 8.83
CA ILE B 131 -7.39 -14.67 7.65
C ILE B 131 -6.48 -15.78 7.23
N ASN B 132 -6.44 -16.02 5.92
CA ASN B 132 -5.48 -16.94 5.35
C ASN B 132 -4.25 -16.10 4.96
N ASP B 133 -3.12 -16.32 5.67
CA ASP B 133 -1.87 -15.58 5.40
C ASP B 133 -1.21 -15.77 4.02
N ASP B 134 -1.57 -16.83 3.30
CA ASP B 134 -1.08 -17.07 1.96
C ASP B 134 -1.71 -16.09 0.99
N GLU B 135 -2.86 -15.57 1.39
CA GLU B 135 -3.63 -14.63 0.57
C GLU B 135 -3.57 -13.14 1.05
N VAL B 136 -3.69 -12.89 2.36
CA VAL B 136 -3.81 -11.57 2.92
C VAL B 136 -2.78 -11.35 4.04
N MET B 137 -1.92 -10.35 3.89
CA MET B 137 -0.89 -10.06 4.87
C MET B 137 -1.27 -8.99 5.93
N ASP B 138 -2.32 -8.21 5.65
CA ASP B 138 -2.86 -7.22 6.58
C ASP B 138 -4.32 -6.90 6.21
N TYR B 139 -5.07 -6.32 7.12
CA TYR B 139 -6.42 -5.89 6.77
C TYR B 139 -6.78 -4.80 7.76
N GLN B 140 -7.88 -4.10 7.47
CA GLN B 140 -8.38 -2.99 8.27
C GLN B 140 -9.92 -2.97 8.09
N TRP B 141 -10.67 -2.86 9.18
CA TRP B 141 -12.08 -2.45 9.08
C TRP B 141 -12.14 -0.93 9.10
N CYS B 142 -12.77 -0.30 8.08
CA CYS B 142 -12.78 1.14 7.93
C CYS B 142 -14.16 1.69 7.74
N ASP B 143 -14.30 3.01 7.78
CA ASP B 143 -15.49 3.72 7.33
C ASP B 143 -15.27 3.93 5.82
N LEU B 144 -16.32 3.66 5.02
CA LEU B 144 -16.26 3.74 3.57
C LEU B 144 -15.86 5.14 3.13
N ALA B 145 -16.36 6.16 3.80
CA ALA B 145 -16.09 7.52 3.36
C ALA B 145 -14.58 7.79 3.35
N ASP B 146 -13.88 7.36 4.41
CA ASP B 146 -12.44 7.45 4.51
C ASP B 146 -11.77 6.80 3.31
N VAL B 147 -12.16 5.54 3.05
CA VAL B 147 -11.56 4.73 1.94
C VAL B 147 -11.73 5.42 0.63
N LEU B 148 -12.95 5.91 0.42
CA LEU B 148 -13.31 6.65 -0.78
C LEU B 148 -12.53 7.98 -0.86
N HIS B 149 -12.32 8.65 0.24
CA HIS B 149 -11.48 9.86 0.22
C HIS B 149 -10.00 9.51 -0.14
N GLY B 150 -9.51 8.42 0.46
CA GLY B 150 -8.19 7.87 0.15
C GLY B 150 -8.01 7.51 -1.32
N ILE B 151 -8.98 6.80 -1.87
CA ILE B 151 -8.98 6.41 -3.29
C ILE B 151 -9.01 7.62 -4.24
N ASP B 152 -9.78 8.63 -3.87
CA ASP B 152 -9.81 9.93 -4.56
C ASP B 152 -8.50 10.69 -4.50
N ALA B 153 -7.83 10.69 -3.34
CA ALA B 153 -6.65 11.53 -3.18
C ALA B 153 -5.41 10.85 -3.66
N THR B 154 -5.28 9.59 -3.29
CA THR B 154 -4.04 8.80 -3.55
C THR B 154 -4.39 7.44 -4.16
N PRO B 155 -4.86 7.49 -5.43
CA PRO B 155 -5.34 6.34 -6.18
C PRO B 155 -4.25 5.29 -6.27
N TRP B 156 -2.99 5.74 -6.50
CA TRP B 156 -1.82 4.85 -6.67
C TRP B 156 -1.48 4.00 -5.43
N ALA B 157 -1.97 4.42 -4.27
CA ALA B 157 -1.87 3.62 -3.07
C ALA B 157 -2.74 2.35 -3.06
N PHE B 158 -3.66 2.20 -4.02
CA PHE B 158 -4.63 1.06 -4.01
C PHE B 158 -4.52 0.24 -5.31
N SER B 159 -5.05 -0.97 -5.33
CA SER B 159 -5.16 -1.69 -6.64
C SER B 159 -5.99 -0.93 -7.73
N PRO B 160 -5.65 -1.12 -9.04
CA PRO B 160 -6.41 -0.28 -9.94
C PRO B 160 -7.85 -0.67 -10.12
N TRP B 161 -8.22 -1.96 -10.04
CA TRP B 161 -9.67 -2.32 -10.12
C TRP B 161 -10.49 -1.79 -8.93
N MET B 162 -9.88 -1.71 -7.75
CA MET B 162 -10.51 -1.18 -6.56
C MET B 162 -10.86 0.22 -6.87
N VAL B 163 -9.85 0.99 -7.33
CA VAL B 163 -10.10 2.41 -7.74
C VAL B 163 -11.22 2.55 -8.78
N MET B 164 -11.17 1.79 -9.89
CA MET B 164 -12.16 1.92 -10.97
C MET B 164 -13.54 1.49 -10.51
N GLN B 165 -13.62 0.42 -9.74
CA GLN B 165 -14.91 0.02 -9.19
C GLN B 165 -15.50 1.12 -8.29
N ALA B 166 -14.68 1.71 -7.42
CA ALA B 166 -15.20 2.67 -6.39
C ALA B 166 -15.56 4.00 -7.01
N THR B 167 -14.94 4.32 -8.14
CA THR B 167 -15.20 5.57 -8.78
C THR B 167 -16.42 5.45 -9.78
N ASN B 168 -16.87 4.24 -10.12
CA ASN B 168 -18.13 4.12 -10.91
C ASN B 168 -19.34 4.54 -10.09
N ARG B 169 -20.10 5.53 -10.57
CA ARG B 169 -21.19 6.19 -9.81
C ARG B 169 -22.27 5.25 -9.25
N GLU B 170 -22.72 4.35 -10.11
CA GLU B 170 -23.74 3.41 -9.71
C GLU B 170 -23.19 2.38 -8.70
N ALA B 171 -21.96 1.86 -8.92
CA ALA B 171 -21.33 1.02 -7.89
C ALA B 171 -21.16 1.69 -6.54
N ARG B 172 -20.67 2.93 -6.55
CA ARG B 172 -20.37 3.65 -5.29
C ARG B 172 -21.60 3.83 -4.40
N LYS B 173 -22.76 3.98 -5.04
CA LYS B 173 -24.05 4.13 -4.36
C LYS B 173 -24.52 2.88 -3.62
N ARG B 174 -24.29 1.72 -4.22
CA ARG B 174 -24.60 0.46 -3.55
C ARG B 174 -23.64 0.32 -2.39
N LEU B 175 -22.35 0.63 -2.59
CA LEU B 175 -21.43 0.44 -1.46
C LEU B 175 -21.94 1.28 -0.29
N SER B 176 -22.28 2.55 -0.52
CA SER B 176 -22.83 3.39 0.57
C SER B 176 -24.06 2.78 1.22
N ALA B 177 -24.93 2.16 0.43
CA ALA B 177 -26.14 1.45 0.98
C ALA B 177 -25.71 0.39 1.96
N PHE B 178 -24.55 -0.25 1.73
CA PHE B 178 -24.05 -1.33 2.63
C PHE B 178 -23.42 -0.89 3.94
N THR B 179 -23.29 0.41 4.11
CA THR B 179 -22.70 1.00 5.32
C THR B 179 -23.68 1.27 6.48
N GLN B 180 -24.96 0.95 6.31
CA GLN B 180 -25.87 1.03 7.45
C GLN B 180 -25.60 -0.05 8.42
N LEU B 181 -25.78 0.30 9.71
CA LEU B 181 -25.76 -0.66 10.83
C LEU B 181 -26.89 -1.68 10.64
N LYS B 182 -26.60 -2.94 10.90
CA LYS B 182 -27.62 -3.97 10.89
C LYS B 182 -27.50 -4.68 12.26
N LEU B 183 -28.41 -4.31 13.15
CA LEU B 183 -28.41 -4.81 14.54
C LEU B 183 -29.22 -6.11 14.64
MN MN C . 15.80 1.82 11.90
MG MG D . 15.94 3.85 2.83
O1 DED E . 19.08 2.19 5.80
O2 DED E . 17.64 2.54 3.75
O3 DED E . 17.65 0.32 4.96
P4 DED E . 17.79 1.79 5.05
O5 DED E . 16.58 2.13 6.10
O6 DED E . 14.79 2.98 4.55
O7 DED E . 14.30 1.00 6.20
P8 DED E . 14.99 2.26 5.89
O9 DED E . 14.49 3.27 7.07
C10 DED E . 15.09 4.57 7.41
C11 DED E . 14.63 5.17 8.75
N12 DED E . 13.25 4.76 9.14
C13 DED E . 12.30 5.88 9.05
C14 DED E . 12.63 3.56 8.59
MN MN F . -7.04 -12.74 -13.26
MG MG G . -8.05 -13.41 -4.21
O1 DED H . -7.59 -15.22 -5.40
O2 DED H . -5.43 -15.64 -6.76
O3 DED H . -7.66 -16.45 -7.63
P4 DED H . -6.92 -15.43 -6.79
O5 DED H . -7.13 -14.10 -7.71
O6 DED H . -7.13 -12.25 -5.90
O7 DED H . -5.70 -12.17 -8.14
P8 DED H . -6.94 -12.50 -7.42
O9 DED H . -8.20 -11.85 -8.13
C10 DED H . -8.50 -11.84 -9.51
C11 DED H . -9.59 -10.77 -9.75
N12 DED H . -9.01 -9.44 -9.99
C13 DED H . -7.58 -9.20 -9.64
C14 DED H . -9.91 -8.36 -9.67
#